data_3P8T
#
_entry.id   3P8T
#
_cell.length_a   57.930
_cell.length_b   61.380
_cell.length_c   156.110
_cell.angle_alpha   90.00
_cell.angle_beta   90.00
_cell.angle_gamma   90.00
#
_symmetry.space_group_name_H-M   'P 21 21 21'
#
loop_
_entity.id
_entity.type
_entity.pdbx_description
1 polymer 'AsnS-like asparaginyl-tRNA synthetase related protein'
2 water water
#
_entity_poly.entity_id   1
_entity_poly.type   'polypeptide(L)'
_entity_poly.pdbx_seq_one_letter_code
;MNAVEIISRDIYKAIDIQTKILDYMTKFFTDRGFKWLLPIMLSPITDPLWPDPAGEGIRPAEVDVYGVRMRLTHSMILHK
QLAIAMGLEKIFVLSPNIRLESRRKDDGRHSYEFTQLDFEIEGAKMKDVMRLIEELIYGLFRKAEEWTGREFPRARHFKV
YDYKDILEEFGSDEKASMEMEEPFWIVNIPREFYDREENGVWKNYDLILPYGYGEVSSGGEREWEYEKIVAKIRAAGLKE
DSFRPYLEIARAGKLKPSAGAGIGVERLVRFIVGAKHIAEVQPFPRVPGIPAVI
;
_entity_poly.pdbx_strand_id   A,B
#
# COMPACT_ATOMS: atom_id res chain seq x y z
N MET A 1 -18.87 5.81 13.52
CA MET A 1 -19.25 4.77 14.46
C MET A 1 -18.13 4.54 15.47
N ASN A 2 -18.46 3.89 16.59
CA ASN A 2 -17.45 3.48 17.57
C ASN A 2 -16.86 2.13 17.16
N ALA A 3 -15.80 1.71 17.85
CA ALA A 3 -15.04 0.55 17.39
C ALA A 3 -15.86 -0.72 17.23
N VAL A 4 -16.64 -1.05 18.25
CA VAL A 4 -17.43 -2.28 18.21
C VAL A 4 -18.45 -2.21 17.09
N GLU A 5 -19.06 -1.04 16.94
CA GLU A 5 -20.01 -0.80 15.86
C GLU A 5 -19.34 -1.10 14.51
N ILE A 6 -18.15 -0.58 14.31
CA ILE A 6 -17.44 -0.73 13.04
C ILE A 6 -17.19 -2.21 12.73
N ILE A 7 -16.73 -2.96 13.73
CA ILE A 7 -16.38 -4.35 13.45
C ILE A 7 -17.61 -5.27 13.35
N SER A 8 -18.78 -4.73 13.71
CA SER A 8 -20.00 -5.53 13.73
C SER A 8 -20.73 -5.58 12.39
N ARG A 9 -20.26 -4.78 11.44
CA ARG A 9 -20.88 -4.76 10.12
C ARG A 9 -20.59 -6.04 9.34
N ASP A 10 -21.53 -6.44 8.49
CA ASP A 10 -21.30 -7.53 7.57
C ASP A 10 -20.99 -6.95 6.19
N ILE A 11 -19.71 -6.88 5.87
CA ILE A 11 -19.29 -6.35 4.57
C ILE A 11 -18.58 -7.45 3.80
N TYR A 12 -18.88 -8.70 4.16
CA TYR A 12 -18.27 -9.84 3.51
C TYR A 12 -18.43 -9.79 1.98
N LYS A 13 -19.63 -9.50 1.51
CA LYS A 13 -19.88 -9.44 0.06
C LYS A 13 -19.06 -8.36 -0.62
N ALA A 14 -18.96 -7.20 0.01
CA ALA A 14 -18.19 -6.10 -0.55
C ALA A 14 -16.72 -6.46 -0.66
N ILE A 15 -16.20 -7.15 0.34
CA ILE A 15 -14.80 -7.54 0.35
C ILE A 15 -14.52 -8.65 -0.68
N ASP A 16 -15.46 -9.57 -0.84
CA ASP A 16 -15.34 -10.58 -1.90
C ASP A 16 -15.26 -9.89 -3.27
N ILE A 17 -16.10 -8.88 -3.46
CA ILE A 17 -16.06 -8.11 -4.72
C ILE A 17 -14.74 -7.39 -4.88
N GLN A 18 -14.27 -6.74 -3.82
CA GLN A 18 -12.99 -6.04 -3.85
C GLN A 18 -11.86 -6.99 -4.25
N THR A 19 -11.94 -8.22 -3.76
CA THR A 19 -10.90 -9.20 -4.03
C THR A 19 -10.87 -9.52 -5.54
N LYS A 20 -12.06 -9.69 -6.10
CA LYS A 20 -12.19 -9.95 -7.53
C LYS A 20 -11.73 -8.76 -8.37
N ILE A 21 -12.03 -7.55 -7.89
CA ILE A 21 -11.60 -6.35 -8.62
C ILE A 21 -10.07 -6.21 -8.62
N LEU A 22 -9.45 -6.41 -7.47
CA LEU A 22 -8.00 -6.31 -7.37
C LEU A 22 -7.30 -7.37 -8.21
N ASP A 23 -7.83 -8.59 -8.18
CA ASP A 23 -7.30 -9.65 -9.02
C ASP A 23 -7.39 -9.25 -10.49
N TYR A 24 -8.57 -8.77 -10.90
CA TYR A 24 -8.77 -8.36 -12.29
C TYR A 24 -7.86 -7.20 -12.71
N MET A 25 -7.78 -6.16 -11.89
CA MET A 25 -7.06 -4.95 -12.28
C MET A 25 -5.56 -5.18 -12.30
N THR A 26 -5.03 -5.89 -11.31
CA THR A 26 -3.60 -6.13 -11.29
C THR A 26 -3.18 -6.99 -12.49
N LYS A 27 -3.94 -8.04 -12.78
CA LYS A 27 -3.64 -8.90 -13.91
C LYS A 27 -3.74 -8.14 -15.23
N PHE A 28 -4.68 -7.20 -15.30
CA PHE A 28 -4.88 -6.41 -16.52
C PHE A 28 -3.57 -5.74 -16.89
N PHE A 29 -2.92 -5.16 -15.88
CA PHE A 29 -1.66 -4.45 -16.11
C PHE A 29 -0.46 -5.37 -16.30
N THR A 30 -0.32 -6.41 -15.48
CA THR A 30 0.84 -7.30 -15.67
C THR A 30 0.76 -8.06 -17.00
N ASP A 31 -0.45 -8.35 -17.45
CA ASP A 31 -0.65 -9.00 -18.75
C ASP A 31 -0.13 -8.12 -19.88
N ARG A 32 -0.11 -6.81 -19.65
CA ARG A 32 0.29 -5.86 -20.69
C ARG A 32 1.73 -5.34 -20.50
N GLY A 33 2.53 -6.08 -19.75
CA GLY A 33 3.94 -5.74 -19.61
C GLY A 33 4.27 -4.67 -18.60
N PHE A 34 3.28 -4.23 -17.82
CA PHE A 34 3.53 -3.23 -16.77
C PHE A 34 4.33 -3.85 -15.62
N LYS A 35 5.23 -3.04 -15.05
CA LYS A 35 5.99 -3.44 -13.87
C LYS A 35 5.20 -3.01 -12.65
N TRP A 36 5.23 -3.85 -11.62
CA TRP A 36 4.45 -3.65 -10.40
C TRP A 36 5.36 -3.10 -9.30
N LEU A 37 5.17 -1.82 -8.98
CA LEU A 37 5.97 -1.16 -7.96
C LEU A 37 5.26 -1.17 -6.62
N LEU A 38 6.05 -0.99 -5.55
CA LEU A 38 5.53 -0.82 -4.20
C LEU A 38 5.45 0.67 -3.88
N PRO A 39 4.53 1.05 -2.99
CA PRO A 39 4.29 2.47 -2.71
C PRO A 39 5.30 3.10 -1.78
N ILE A 40 5.41 4.42 -1.85
CA ILE A 40 6.11 5.15 -0.81
C ILE A 40 5.08 6.00 -0.08
N MET A 41 5.26 6.16 1.21
CA MET A 41 4.31 6.89 2.04
C MET A 41 4.90 8.19 2.59
N LEU A 42 6.24 8.27 2.67
CA LEU A 42 6.91 9.46 3.20
C LEU A 42 8.00 9.95 2.26
N SER A 43 8.00 11.25 1.96
CA SER A 43 8.98 11.82 1.06
C SER A 43 9.09 13.32 1.29
N PRO A 44 10.25 13.93 0.99
CA PRO A 44 10.29 15.38 1.16
C PRO A 44 9.30 16.10 0.26
N ILE A 45 8.85 15.42 -0.79
CA ILE A 45 7.95 16.06 -1.75
C ILE A 45 6.72 15.20 -2.02
N THR A 46 5.63 15.87 -2.37
CA THR A 46 4.42 15.16 -2.77
C THR A 46 3.52 16.05 -3.65
N ASP A 47 2.53 15.43 -4.28
CA ASP A 47 1.49 16.12 -5.05
C ASP A 47 0.90 17.30 -4.27
N PRO A 48 0.94 18.52 -4.84
CA PRO A 48 0.38 19.67 -4.12
C PRO A 48 -1.15 19.68 -4.11
N LEU A 49 -1.77 18.94 -5.04
CA LEU A 49 -3.23 18.92 -5.17
C LEU A 49 -3.81 20.33 -5.32
N TRP A 50 -3.02 21.21 -5.95
CA TRP A 50 -3.38 22.61 -6.17
C TRP A 50 -2.45 23.17 -7.24
N PRO A 51 -2.97 24.04 -8.12
CA PRO A 51 -4.39 24.33 -8.31
C PRO A 51 -5.12 23.06 -8.72
N ASP A 52 -6.41 22.98 -8.39
CA ASP A 52 -7.24 21.83 -8.73
C ASP A 52 -8.68 22.15 -8.35
N PRO A 53 -9.57 22.31 -9.35
CA PRO A 53 -10.97 22.64 -9.04
C PRO A 53 -11.64 21.59 -8.19
N ALA A 54 -11.05 20.39 -8.12
CA ALA A 54 -11.64 19.32 -7.32
C ALA A 54 -11.29 19.43 -5.84
N GLY A 55 -10.32 20.29 -5.52
CA GLY A 55 -9.82 20.41 -4.15
C GLY A 55 -10.10 21.75 -3.50
N GLU A 56 -9.84 21.85 -2.19
CA GLU A 56 -9.96 23.10 -1.47
C GLU A 56 -8.60 23.65 -1.03
N GLY A 57 -7.52 23.00 -1.50
CA GLY A 57 -6.18 23.47 -1.22
C GLY A 57 -5.55 22.92 0.05
N ILE A 58 -5.78 21.62 0.30
CA ILE A 58 -5.28 21.02 1.54
C ILE A 58 -3.76 20.91 1.55
N ARG A 59 -3.18 21.01 2.74
CA ARG A 59 -1.77 20.73 2.91
C ARG A 59 -1.57 19.32 3.45
N PRO A 60 -0.48 18.67 3.03
CA PRO A 60 -0.28 17.26 3.39
C PRO A 60 0.02 17.06 4.88
N ALA A 61 -0.31 15.88 5.41
CA ALA A 61 0.14 15.55 6.76
C ALA A 61 1.67 15.48 6.72
N GLU A 62 2.32 15.92 7.78
CA GLU A 62 3.78 15.92 7.81
C GLU A 62 4.29 15.24 9.07
N VAL A 63 5.41 14.54 8.95
CA VAL A 63 6.03 13.94 10.11
C VAL A 63 7.53 14.02 9.93
N ASP A 64 8.26 14.22 11.03
CA ASP A 64 9.72 14.22 10.97
C ASP A 64 10.30 12.80 10.93
N VAL A 65 11.32 12.61 10.09
CA VAL A 65 12.03 11.34 10.00
C VAL A 65 13.49 11.70 10.22
N TYR A 66 14.05 11.25 11.33
CA TYR A 66 15.41 11.61 11.72
C TYR A 66 15.65 13.11 11.62
N GLY A 67 14.67 13.89 12.09
CA GLY A 67 14.82 15.33 12.17
C GLY A 67 14.37 16.08 10.92
N VAL A 68 14.07 15.34 9.86
CA VAL A 68 13.76 15.94 8.57
C VAL A 68 12.27 15.83 8.23
N ARG A 69 11.67 16.96 7.83
CA ARG A 69 10.26 17.03 7.49
C ARG A 69 9.91 16.17 6.29
N MET A 70 9.03 15.19 6.49
CA MET A 70 8.52 14.40 5.37
C MET A 70 7.03 14.67 5.21
N ARG A 71 6.56 14.51 3.98
CA ARG A 71 5.13 14.62 3.70
C ARG A 71 4.54 13.25 3.44
N LEU A 72 3.39 12.98 4.05
CA LEU A 72 2.62 11.77 3.74
C LEU A 72 2.05 11.89 2.33
N THR A 73 2.03 10.78 1.61
CA THR A 73 1.71 10.79 0.19
C THR A 73 0.31 11.32 -0.13
N HIS A 74 0.27 12.48 -0.79
CA HIS A 74 -0.98 12.98 -1.39
C HIS A 74 -1.30 12.13 -2.61
N SER A 75 -0.29 12.00 -3.48
CA SER A 75 -0.30 10.96 -4.52
C SER A 75 1.15 10.73 -4.91
N MET A 76 1.39 9.64 -5.62
CA MET A 76 2.73 9.31 -6.07
C MET A 76 3.08 9.88 -7.45
N ILE A 77 2.32 10.88 -7.91
CA ILE A 77 2.54 11.42 -9.25
C ILE A 77 4.01 11.72 -9.56
N LEU A 78 4.68 12.47 -8.69
CA LEU A 78 6.07 12.85 -8.96
C LEU A 78 6.96 11.61 -8.98
N HIS A 79 6.69 10.68 -8.07
CA HIS A 79 7.45 9.43 -8.02
C HIS A 79 7.20 8.55 -9.24
N LYS A 80 5.99 8.59 -9.79
CA LYS A 80 5.70 7.88 -11.05
C LYS A 80 6.57 8.43 -12.18
N GLN A 81 6.69 9.75 -12.26
CA GLN A 81 7.53 10.36 -13.28
C GLN A 81 8.96 9.92 -13.07
N LEU A 82 9.37 9.84 -11.81
CA LEU A 82 10.74 9.41 -11.52
C LEU A 82 10.96 7.95 -11.92
N ALA A 83 9.95 7.11 -11.74
CA ALA A 83 10.07 5.71 -12.16
C ALA A 83 10.28 5.62 -13.67
N ILE A 84 9.60 6.51 -14.41
CA ILE A 84 9.80 6.58 -15.86
C ILE A 84 11.23 7.08 -16.18
N ALA A 85 11.73 8.03 -15.40
CA ALA A 85 13.12 8.49 -15.55
C ALA A 85 14.13 7.35 -15.33
N MET A 86 13.74 6.38 -14.51
CA MET A 86 14.59 5.23 -14.23
C MET A 86 14.48 4.17 -15.33
N GLY A 87 13.71 4.48 -16.36
CA GLY A 87 13.62 3.62 -17.53
C GLY A 87 12.72 2.40 -17.38
N LEU A 88 11.79 2.45 -16.45
CA LEU A 88 10.91 1.30 -16.20
C LEU A 88 9.75 1.18 -17.21
N GLU A 89 9.54 2.23 -18.01
CA GLU A 89 8.65 2.23 -19.21
C GLU A 89 7.14 2.22 -18.98
N LYS A 90 6.65 1.22 -18.27
CA LYS A 90 5.22 1.11 -17.97
C LYS A 90 5.14 0.59 -16.54
N ILE A 91 4.53 1.37 -15.65
CA ILE A 91 4.54 0.99 -14.24
C ILE A 91 3.16 1.16 -13.62
N PHE A 92 2.87 0.36 -12.61
CA PHE A 92 1.71 0.64 -11.76
C PHE A 92 2.02 0.34 -10.31
N VAL A 93 1.21 0.89 -9.42
CA VAL A 93 1.36 0.65 -8.01
C VAL A 93 -0.01 0.76 -7.32
N LEU A 94 -0.23 -0.09 -6.32
CA LEU A 94 -1.37 0.07 -5.44
C LEU A 94 -0.91 1.03 -4.36
N SER A 95 -1.24 2.30 -4.56
CA SER A 95 -0.66 3.40 -3.79
C SER A 95 -1.68 4.00 -2.82
N PRO A 96 -1.44 3.86 -1.51
CA PRO A 96 -2.29 4.58 -0.56
C PRO A 96 -2.05 6.08 -0.66
N ASN A 97 -3.15 6.84 -0.72
CA ASN A 97 -3.11 8.28 -0.73
C ASN A 97 -3.74 8.75 0.58
N ILE A 98 -3.13 9.76 1.20
CA ILE A 98 -3.63 10.38 2.42
C ILE A 98 -3.99 11.81 2.07
N ARG A 99 -5.29 12.13 2.09
CA ARG A 99 -5.76 13.46 1.74
C ARG A 99 -6.74 13.88 2.82
N LEU A 100 -6.29 14.75 3.72
CA LEU A 100 -7.08 15.11 4.91
C LEU A 100 -8.09 16.17 4.53
N GLU A 101 -9.04 15.80 3.69
CA GLU A 101 -10.00 16.77 3.18
C GLU A 101 -11.11 17.07 4.20
N SER A 102 -11.84 18.14 3.96
CA SER A 102 -12.82 18.63 4.95
C SER A 102 -14.15 17.88 4.90
N ARG A 103 -15.00 18.12 5.88
CA ARG A 103 -16.34 17.57 5.88
C ARG A 103 -17.09 17.95 4.61
N ARG A 104 -16.68 19.06 3.98
CA ARG A 104 -17.40 19.53 2.79
C ARG A 104 -17.20 18.61 1.59
N LYS A 105 -16.20 17.75 1.69
CA LYS A 105 -15.93 16.75 0.64
C LYS A 105 -16.45 15.36 0.99
N ASP A 106 -17.20 15.24 2.09
CA ASP A 106 -17.83 13.96 2.44
C ASP A 106 -19.08 13.76 1.61
N ASP A 107 -18.87 13.37 0.35
CA ASP A 107 -19.94 13.28 -0.63
C ASP A 107 -20.29 11.83 -0.99
N GLY A 108 -19.72 10.88 -0.24
CA GLY A 108 -19.93 9.47 -0.51
C GLY A 108 -18.84 8.76 -1.31
N ARG A 109 -18.02 9.51 -2.04
CA ARG A 109 -16.92 8.89 -2.78
C ARG A 109 -15.54 9.23 -2.23
N HIS A 110 -15.48 10.27 -1.35
CA HIS A 110 -14.18 10.62 -0.78
C HIS A 110 -13.90 9.86 0.51
N SER A 111 -12.61 9.61 0.73
CA SER A 111 -12.14 8.96 1.94
C SER A 111 -10.80 9.61 2.23
N TYR A 112 -10.45 9.74 3.52
CA TYR A 112 -9.20 10.48 3.73
C TYR A 112 -7.94 9.61 3.62
N GLU A 113 -8.14 8.29 3.66
CA GLU A 113 -7.14 7.35 3.18
C GLU A 113 -7.82 6.53 2.09
N PHE A 114 -7.11 6.29 1.01
CA PHE A 114 -7.63 5.42 -0.04
C PHE A 114 -6.53 4.94 -0.94
N THR A 115 -6.68 3.74 -1.50
CA THR A 115 -5.68 3.20 -2.39
C THR A 115 -6.05 3.41 -3.86
N GLN A 116 -5.14 4.04 -4.58
CA GLN A 116 -5.28 4.24 -6.01
C GLN A 116 -4.48 3.18 -6.71
N LEU A 117 -5.04 2.53 -7.73
CA LEU A 117 -4.17 1.80 -8.65
C LEU A 117 -3.65 2.86 -9.61
N ASP A 118 -2.39 3.26 -9.41
CA ASP A 118 -1.80 4.42 -10.05
C ASP A 118 -0.76 3.96 -11.08
N PHE A 119 -0.88 4.29 -12.40
CA PHE A 119 -0.01 3.81 -13.48
C PHE A 119 0.49 4.93 -14.42
N GLU A 120 1.62 4.66 -15.03
CA GLU A 120 2.23 5.68 -15.88
C GLU A 120 2.93 4.97 -17.03
N ILE A 121 2.88 5.59 -18.21
CA ILE A 121 3.42 4.99 -19.42
C ILE A 121 4.30 6.00 -20.15
N GLU A 122 5.57 5.64 -20.36
CA GLU A 122 6.49 6.49 -21.08
C GLU A 122 5.95 6.78 -22.49
N GLY A 123 5.93 8.07 -22.86
CA GLY A 123 5.57 8.47 -24.21
C GLY A 123 4.10 8.43 -24.59
N ALA A 124 3.24 8.01 -23.66
CA ALA A 124 1.81 7.87 -23.99
C ALA A 124 1.08 9.19 -24.13
N LYS A 125 0.04 9.20 -24.97
CA LYS A 125 -0.80 10.38 -25.15
C LYS A 125 -2.12 10.19 -24.43
N MET A 126 -2.86 11.28 -24.22
CA MET A 126 -4.13 11.16 -23.51
C MET A 126 -5.08 10.12 -24.17
N LYS A 127 -5.12 10.09 -25.50
CA LYS A 127 -5.99 9.15 -26.20
C LYS A 127 -5.60 7.70 -25.86
N ASP A 128 -4.29 7.41 -25.77
CA ASP A 128 -3.82 6.08 -25.42
C ASP A 128 -4.31 5.68 -24.03
N VAL A 129 -4.19 6.59 -23.08
CA VAL A 129 -4.49 6.23 -21.71
C VAL A 129 -5.99 6.10 -21.53
N MET A 130 -6.72 7.02 -22.15
CA MET A 130 -8.19 6.98 -22.06
C MET A 130 -8.67 5.66 -22.66
N ARG A 131 -8.08 5.25 -23.76
CA ARG A 131 -8.46 3.98 -24.40
C ARG A 131 -8.11 2.78 -23.54
N LEU A 132 -6.97 2.83 -22.86
CA LEU A 132 -6.57 1.75 -21.99
C LEU A 132 -7.57 1.63 -20.84
N ILE A 133 -7.97 2.76 -20.28
CA ILE A 133 -8.92 2.76 -19.17
C ILE A 133 -10.29 2.23 -19.61
N GLU A 134 -10.74 2.60 -20.81
CA GLU A 134 -12.01 2.10 -21.32
C GLU A 134 -11.95 0.59 -21.45
N GLU A 135 -10.85 0.08 -22.00
CA GLU A 135 -10.67 -1.37 -22.10
C GLU A 135 -10.77 -2.06 -20.73
N LEU A 136 -10.08 -1.51 -19.74
CA LEU A 136 -10.12 -2.04 -18.38
C LEU A 136 -11.54 -2.01 -17.81
N ILE A 137 -12.19 -0.86 -17.91
CA ILE A 137 -13.50 -0.67 -17.27
C ILE A 137 -14.58 -1.50 -17.95
N TYR A 138 -14.57 -1.50 -19.27
CA TYR A 138 -15.52 -2.34 -19.99
C TYR A 138 -15.38 -3.80 -19.55
N GLY A 139 -14.16 -4.30 -19.52
CA GLY A 139 -13.90 -5.67 -19.12
C GLY A 139 -14.32 -5.95 -17.69
N LEU A 140 -14.02 -5.00 -16.81
CA LEU A 140 -14.38 -5.11 -15.41
C LEU A 140 -15.89 -5.17 -15.26
N PHE A 141 -16.60 -4.33 -16.01
CA PHE A 141 -18.05 -4.25 -15.89
C PHE A 141 -18.71 -5.55 -16.40
N ARG A 142 -18.14 -6.16 -17.44
CA ARG A 142 -18.65 -7.47 -17.90
C ARG A 142 -18.45 -8.54 -16.83
N LYS A 143 -17.27 -8.55 -16.21
CA LYS A 143 -17.01 -9.46 -15.08
C LYS A 143 -17.95 -9.19 -13.90
N ALA A 144 -18.20 -7.92 -13.62
CA ALA A 144 -19.08 -7.53 -12.52
C ALA A 144 -20.50 -8.08 -12.70
N GLU A 145 -20.95 -8.16 -13.95
CA GLU A 145 -22.26 -8.73 -14.24
C GLU A 145 -22.32 -10.20 -13.84
N GLU A 146 -21.23 -10.93 -14.09
CA GLU A 146 -21.14 -12.32 -13.66
C GLU A 146 -21.12 -12.41 -12.14
N TRP A 147 -20.30 -11.58 -11.49
CA TRP A 147 -20.17 -11.61 -10.03
C TRP A 147 -21.45 -11.23 -9.29
N THR A 148 -22.22 -10.30 -9.84
CA THR A 148 -23.36 -9.76 -9.10
C THR A 148 -24.71 -10.23 -9.62
N GLY A 149 -24.75 -10.69 -10.86
CA GLY A 149 -26.01 -11.02 -11.50
C GLY A 149 -26.83 -9.78 -11.84
N ARG A 150 -26.23 -8.61 -11.67
CA ARG A 150 -26.86 -7.36 -12.05
C ARG A 150 -26.26 -6.79 -13.34
N GLU A 151 -26.98 -5.85 -13.95
CA GLU A 151 -26.56 -5.25 -15.22
C GLU A 151 -25.69 -4.01 -14.98
N PHE A 152 -24.63 -3.86 -15.76
CA PHE A 152 -23.78 -2.66 -15.71
C PHE A 152 -23.73 -1.96 -17.06
N PRO A 153 -23.37 -0.67 -17.07
CA PRO A 153 -23.34 0.03 -18.36
C PRO A 153 -22.47 -0.74 -19.36
N ARG A 154 -22.95 -0.88 -20.59
CA ARG A 154 -22.30 -1.75 -21.56
C ARG A 154 -21.36 -1.02 -22.52
N ALA A 155 -21.25 0.30 -22.39
CA ALA A 155 -20.44 1.08 -23.33
C ALA A 155 -18.98 0.60 -23.38
N ARG A 156 -18.47 0.42 -24.59
CA ARG A 156 -17.09 0.01 -24.79
C ARG A 156 -16.18 1.23 -24.79
N HIS A 157 -16.76 2.37 -25.18
CA HIS A 157 -16.05 3.64 -25.15
C HIS A 157 -16.97 4.69 -24.58
N PHE A 158 -16.41 5.76 -24.04
CA PHE A 158 -17.22 6.75 -23.33
C PHE A 158 -17.15 8.11 -24.01
N LYS A 159 -18.24 8.86 -23.94
CA LYS A 159 -18.30 10.18 -24.56
C LYS A 159 -17.37 11.14 -23.85
N VAL A 160 -16.88 12.13 -24.61
CA VAL A 160 -15.90 13.07 -24.07
C VAL A 160 -16.43 14.51 -24.04
N TYR A 161 -16.24 15.18 -22.89
CA TYR A 161 -16.72 16.54 -22.68
C TYR A 161 -15.57 17.40 -22.17
N ASP A 162 -15.42 18.60 -22.70
CA ASP A 162 -14.47 19.54 -22.09
C ASP A 162 -15.04 20.03 -20.77
N TYR A 163 -14.15 20.17 -19.79
CA TYR A 163 -14.49 20.76 -18.49
C TYR A 163 -15.35 22.03 -18.63
N LYS A 164 -14.92 22.94 -19.49
CA LYS A 164 -15.64 24.20 -19.67
C LYS A 164 -17.09 23.93 -20.06
N ASP A 165 -17.29 22.94 -20.93
CA ASP A 165 -18.63 22.61 -21.41
C ASP A 165 -19.49 21.88 -20.38
N ILE A 166 -18.85 21.16 -19.46
CA ILE A 166 -19.55 20.54 -18.36
C ILE A 166 -20.14 21.64 -17.49
N LEU A 167 -19.33 22.64 -17.18
CA LEU A 167 -19.78 23.74 -16.33
C LEU A 167 -21.01 24.38 -16.97
N GLU A 168 -20.93 24.65 -18.26
CA GLU A 168 -21.99 25.34 -18.96
C GLU A 168 -23.28 24.54 -19.03
N GLU A 169 -23.17 23.27 -19.41
CA GLU A 169 -24.35 22.45 -19.62
C GLU A 169 -24.97 21.93 -18.32
N PHE A 170 -24.13 21.51 -17.38
CA PHE A 170 -24.64 20.83 -16.19
C PHE A 170 -24.41 21.59 -14.90
N GLY A 171 -23.54 22.59 -14.95
CA GLY A 171 -23.20 23.32 -13.74
C GLY A 171 -21.99 22.76 -13.04
N SER A 172 -21.95 21.43 -12.86
CA SER A 172 -20.85 20.76 -12.18
C SER A 172 -20.64 19.33 -12.66
N ASP A 173 -19.46 18.78 -12.38
CA ASP A 173 -19.22 17.36 -12.61
C ASP A 173 -20.23 16.50 -11.84
N GLU A 174 -20.55 16.91 -10.61
CA GLU A 174 -21.47 16.12 -9.80
C GLU A 174 -22.84 16.08 -10.44
N LYS A 175 -23.31 17.22 -10.92
CA LYS A 175 -24.60 17.23 -11.60
C LYS A 175 -24.58 16.42 -12.89
N ALA A 176 -23.49 16.46 -13.64
CA ALA A 176 -23.37 15.64 -14.84
C ALA A 176 -23.44 14.16 -14.49
N SER A 177 -22.73 13.78 -13.44
CA SER A 177 -22.75 12.39 -12.98
C SER A 177 -24.17 11.94 -12.68
N MET A 178 -24.94 12.81 -12.01
CA MET A 178 -26.30 12.44 -11.64
C MET A 178 -27.17 12.19 -12.86
N GLU A 179 -26.87 12.87 -13.96
CA GLU A 179 -27.71 12.78 -15.14
C GLU A 179 -27.32 11.63 -16.05
N MET A 180 -26.04 11.24 -16.03
CA MET A 180 -25.56 10.24 -16.98
C MET A 180 -25.92 8.82 -16.55
N GLU A 181 -26.03 7.92 -17.52
CA GLU A 181 -26.32 6.53 -17.25
C GLU A 181 -25.18 5.61 -17.67
N GLU A 182 -24.11 6.21 -18.18
CA GLU A 182 -22.89 5.46 -18.47
C GLU A 182 -21.68 6.32 -18.10
N PRO A 183 -20.51 5.69 -17.95
CA PRO A 183 -19.35 6.51 -17.60
C PRO A 183 -19.06 7.52 -18.71
N PHE A 184 -18.38 8.60 -18.37
CA PHE A 184 -18.03 9.64 -19.36
C PHE A 184 -16.75 10.34 -18.95
N TRP A 185 -16.09 10.97 -19.91
CA TRP A 185 -14.82 11.64 -19.69
C TRP A 185 -15.02 13.15 -19.58
N ILE A 186 -14.34 13.77 -18.63
CA ILE A 186 -14.20 15.22 -18.60
C ILE A 186 -12.71 15.50 -18.84
N VAL A 187 -12.41 16.31 -19.84
CA VAL A 187 -11.03 16.58 -20.21
C VAL A 187 -10.72 18.07 -20.16
N ASN A 188 -9.43 18.40 -20.22
CA ASN A 188 -9.01 19.78 -20.36
C ASN A 188 -9.38 20.60 -19.11
N ILE A 189 -8.82 20.19 -17.98
CA ILE A 189 -9.11 20.80 -16.69
C ILE A 189 -7.85 21.51 -16.19
N PRO A 190 -7.90 22.85 -16.06
CA PRO A 190 -6.66 23.50 -15.60
C PRO A 190 -6.36 23.12 -14.15
N ARG A 191 -5.20 22.51 -13.91
CA ARG A 191 -4.89 22.10 -12.54
C ARG A 191 -3.39 22.09 -12.24
N GLU A 192 -2.86 20.99 -11.71
CA GLU A 192 -1.51 20.99 -11.13
C GLU A 192 -0.38 21.11 -12.17
N PHE A 193 0.81 21.52 -11.72
CA PHE A 193 1.91 21.81 -12.64
C PHE A 193 2.31 20.61 -13.51
N TYR A 194 2.12 19.40 -12.99
CA TYR A 194 2.61 18.20 -13.68
C TYR A 194 1.74 17.76 -14.87
N ASP A 195 0.48 18.23 -14.95
CA ASP A 195 -0.34 17.89 -16.11
C ASP A 195 0.11 18.76 -17.28
N ARG A 196 0.24 18.15 -18.45
CA ARG A 196 0.70 18.84 -19.63
C ARG A 196 -0.30 19.89 -20.12
N GLU A 197 0.20 21.11 -20.30
CA GLU A 197 -0.58 22.19 -20.88
C GLU A 197 0.09 22.66 -22.16
N GLU A 198 -0.67 22.81 -23.23
CA GLU A 198 -0.15 23.30 -24.51
C GLU A 198 -1.05 24.38 -25.08
N ASN A 199 -0.54 25.61 -25.09
CA ASN A 199 -1.29 26.75 -25.61
C ASN A 199 -2.75 26.78 -25.18
N GLY A 200 -2.98 26.68 -23.87
CA GLY A 200 -4.30 26.82 -23.30
C GLY A 200 -5.12 25.54 -23.20
N VAL A 201 -4.57 24.43 -23.67
CA VAL A 201 -5.27 23.16 -23.62
C VAL A 201 -4.57 22.19 -22.68
N TRP A 202 -5.30 21.70 -21.68
CA TRP A 202 -4.74 20.76 -20.74
C TRP A 202 -4.98 19.34 -21.25
N LYS A 203 -3.92 18.53 -21.25
CA LYS A 203 -3.98 17.22 -21.85
C LYS A 203 -4.31 16.19 -20.79
N ASN A 204 -5.45 16.39 -20.14
CA ASN A 204 -5.81 15.56 -19.00
C ASN A 204 -7.26 15.08 -19.05
N TYR A 205 -7.60 14.15 -18.16
CA TYR A 205 -8.85 13.40 -18.27
C TYR A 205 -9.26 12.81 -16.95
N ASP A 206 -10.54 12.99 -16.61
CA ASP A 206 -11.17 12.33 -15.46
C ASP A 206 -12.30 11.44 -15.98
N LEU A 207 -12.34 10.21 -15.49
CA LEU A 207 -13.45 9.31 -15.78
C LEU A 207 -14.48 9.46 -14.68
N ILE A 208 -15.70 9.81 -15.09
CA ILE A 208 -16.81 9.99 -14.16
C ILE A 208 -17.80 8.84 -14.29
N LEU A 209 -18.20 8.28 -13.15
CA LEU A 209 -19.21 7.23 -13.13
C LEU A 209 -20.61 7.83 -13.24
N PRO A 210 -21.55 7.04 -13.73
CA PRO A 210 -22.94 7.49 -13.86
C PRO A 210 -23.69 7.37 -12.55
N TYR A 211 -24.95 7.83 -12.55
CA TYR A 211 -25.85 7.67 -11.41
C TYR A 211 -25.38 8.37 -10.15
N GLY A 212 -24.58 9.43 -10.30
CA GLY A 212 -24.15 10.25 -9.19
C GLY A 212 -22.93 9.75 -8.43
N TYR A 213 -22.31 8.67 -8.89
CA TYR A 213 -21.17 8.10 -8.18
C TYR A 213 -19.87 8.89 -8.36
N GLY A 214 -19.83 9.76 -9.35
CA GLY A 214 -18.74 10.71 -9.49
C GLY A 214 -17.43 10.15 -10.00
N GLU A 215 -16.40 10.98 -9.93
CA GLU A 215 -15.10 10.66 -10.50
C GLU A 215 -14.52 9.37 -9.94
N VAL A 216 -13.97 8.54 -10.82
CA VAL A 216 -13.38 7.28 -10.40
C VAL A 216 -11.92 7.19 -10.84
N SER A 217 -11.56 7.94 -11.88
CA SER A 217 -10.15 7.95 -12.31
C SER A 217 -9.77 9.35 -12.77
N SER A 218 -8.52 9.72 -12.51
CA SER A 218 -8.02 11.02 -12.91
C SER A 218 -6.58 10.86 -13.42
N GLY A 219 -6.24 11.52 -14.52
CA GLY A 219 -4.90 11.42 -15.06
C GLY A 219 -4.58 12.47 -16.10
N GLY A 220 -3.43 12.33 -16.75
CA GLY A 220 -3.01 13.28 -17.76
C GLY A 220 -1.67 12.90 -18.40
N GLU A 221 -1.39 13.48 -19.56
CA GLU A 221 -0.01 13.57 -20.07
C GLU A 221 0.72 14.52 -19.12
N ARG A 222 2.06 14.47 -19.11
CA ARG A 222 2.84 15.27 -18.15
C ARG A 222 3.74 16.33 -18.76
N GLU A 223 4.03 17.36 -17.97
CA GLU A 223 5.15 18.25 -18.27
C GLU A 223 6.44 17.54 -17.89
N TRP A 224 7.50 17.80 -18.67
CA TRP A 224 8.81 17.21 -18.36
C TRP A 224 9.93 18.26 -18.45
N GLU A 225 9.60 19.45 -18.94
CA GLU A 225 10.61 20.49 -19.19
C GLU A 225 10.78 21.39 -17.98
N TYR A 226 12.02 21.51 -17.51
CA TYR A 226 12.31 22.27 -16.29
C TYR A 226 11.68 23.68 -16.27
N GLU A 227 11.96 24.47 -17.29
CA GLU A 227 11.52 25.87 -17.28
C GLU A 227 9.99 25.99 -17.23
N LYS A 228 9.31 25.11 -17.96
CA LYS A 228 7.85 25.12 -18.00
C LYS A 228 7.27 24.77 -16.63
N ILE A 229 7.86 23.75 -16.01
CA ILE A 229 7.41 23.30 -14.71
C ILE A 229 7.61 24.39 -13.65
N VAL A 230 8.78 25.02 -13.66
CA VAL A 230 9.04 26.05 -12.65
C VAL A 230 8.09 27.23 -12.84
N ALA A 231 7.86 27.63 -14.09
CA ALA A 231 6.96 28.75 -14.33
C ALA A 231 5.55 28.46 -13.78
N LYS A 232 5.09 27.23 -13.96
CA LYS A 232 3.73 26.88 -13.54
C LYS A 232 3.63 26.83 -12.03
N ILE A 233 4.68 26.32 -11.40
CA ILE A 233 4.75 26.30 -9.95
C ILE A 233 4.68 27.73 -9.38
N ARG A 234 5.50 28.62 -9.93
CA ARG A 234 5.54 30.00 -9.45
C ARG A 234 4.23 30.73 -9.73
N ALA A 235 3.63 30.49 -10.88
CA ALA A 235 2.42 31.19 -11.27
C ALA A 235 1.27 30.86 -10.30
N ALA A 236 1.33 29.67 -9.71
CA ALA A 236 0.30 29.21 -8.76
C ALA A 236 0.58 29.67 -7.34
N GLY A 237 1.70 30.36 -7.16
CA GLY A 237 2.12 30.81 -5.84
C GLY A 237 2.69 29.70 -4.98
N LEU A 238 3.01 28.58 -5.60
CA LEU A 238 3.64 27.47 -4.89
C LEU A 238 5.14 27.74 -4.86
N LYS A 239 5.87 26.90 -4.14
CA LYS A 239 7.28 27.14 -3.86
C LYS A 239 8.17 26.07 -4.47
N GLU A 240 9.19 26.49 -5.22
CA GLU A 240 10.19 25.57 -5.74
C GLU A 240 10.82 24.75 -4.63
N ASP A 241 10.95 25.36 -3.46
CA ASP A 241 11.52 24.68 -2.30
C ASP A 241 10.79 23.40 -1.96
N SER A 242 9.49 23.35 -2.27
CA SER A 242 8.66 22.19 -1.94
C SER A 242 8.88 21.01 -2.89
N PHE A 243 9.65 21.23 -3.95
CA PHE A 243 9.84 20.19 -4.95
C PHE A 243 11.31 20.00 -5.32
N ARG A 244 12.19 20.39 -4.40
CA ARG A 244 13.61 20.53 -4.75
C ARG A 244 14.26 19.35 -5.51
N PRO A 245 14.23 18.15 -4.93
CA PRO A 245 14.94 17.05 -5.62
C PRO A 245 14.32 16.70 -6.97
N TYR A 246 13.00 16.81 -7.06
CA TYR A 246 12.32 16.61 -8.32
C TYR A 246 12.75 17.67 -9.33
N LEU A 247 12.86 18.93 -8.90
CA LEU A 247 13.29 19.99 -9.82
C LEU A 247 14.77 19.84 -10.21
N GLU A 248 15.57 19.23 -9.35
CA GLU A 248 16.96 18.96 -9.70
C GLU A 248 17.01 17.94 -10.82
N ILE A 249 16.12 16.97 -10.75
CA ILE A 249 16.05 15.92 -11.77
C ILE A 249 15.56 16.54 -13.08
N ALA A 250 14.55 17.41 -12.99
CA ALA A 250 14.04 18.09 -14.18
C ALA A 250 15.09 18.99 -14.81
N ARG A 251 15.82 19.73 -13.99
CA ARG A 251 16.84 20.63 -14.51
C ARG A 251 17.92 19.85 -15.26
N ALA A 252 18.18 18.64 -14.78
CA ALA A 252 19.22 17.80 -15.39
C ALA A 252 18.75 17.23 -16.72
N GLY A 253 17.48 17.48 -17.05
CA GLY A 253 16.91 16.99 -18.30
C GLY A 253 16.45 15.54 -18.27
N LYS A 254 16.24 15.00 -17.07
CA LYS A 254 15.95 13.57 -16.92
C LYS A 254 14.49 13.16 -16.86
N LEU A 255 13.56 14.11 -16.80
CA LEU A 255 12.15 13.75 -16.94
C LEU A 255 11.86 13.48 -18.40
N LYS A 256 10.94 12.56 -18.66
CA LYS A 256 10.58 12.21 -20.02
C LYS A 256 9.09 12.42 -20.20
N PRO A 257 8.65 12.65 -21.45
CA PRO A 257 7.20 12.69 -21.67
C PRO A 257 6.55 11.36 -21.23
N SER A 258 5.38 11.45 -20.63
CA SER A 258 4.65 10.27 -20.20
C SER A 258 3.18 10.64 -19.97
N ALA A 259 2.34 9.63 -19.80
CA ALA A 259 0.95 9.86 -19.41
C ALA A 259 0.49 8.71 -18.54
N GLY A 260 -0.50 8.99 -17.69
CA GLY A 260 -0.97 7.96 -16.78
C GLY A 260 -2.25 8.37 -16.10
N ALA A 261 -2.61 7.61 -15.08
CA ALA A 261 -3.84 7.88 -14.36
C ALA A 261 -3.86 7.09 -13.06
N GLY A 262 -4.69 7.52 -12.13
CA GLY A 262 -4.94 6.74 -10.93
C GLY A 262 -6.39 6.31 -10.96
N ILE A 263 -6.67 5.11 -10.47
CA ILE A 263 -8.03 4.58 -10.46
C ILE A 263 -8.41 4.21 -9.03
N GLY A 264 -9.54 4.76 -8.56
CA GLY A 264 -9.95 4.52 -7.19
C GLY A 264 -10.53 3.13 -6.98
N VAL A 265 -9.74 2.25 -6.35
CA VAL A 265 -10.19 0.87 -6.18
C VAL A 265 -11.47 0.82 -5.34
N GLU A 266 -11.47 1.51 -4.19
CA GLU A 266 -12.63 1.49 -3.29
C GLU A 266 -13.85 2.17 -3.91
N ARG A 267 -13.63 3.16 -4.77
CA ARG A 267 -14.75 3.78 -5.47
C ARG A 267 -15.41 2.81 -6.43
N LEU A 268 -14.61 1.96 -7.05
CA LEU A 268 -15.14 0.91 -7.92
C LEU A 268 -15.88 -0.16 -7.10
N VAL A 269 -15.34 -0.54 -5.95
CA VAL A 269 -16.04 -1.49 -5.08
C VAL A 269 -17.41 -0.91 -4.73
N ARG A 270 -17.43 0.34 -4.31
CA ARG A 270 -18.68 1.04 -4.00
C ARG A 270 -19.67 1.01 -5.16
N PHE A 271 -19.19 1.37 -6.34
CA PHE A 271 -20.05 1.36 -7.53
C PHE A 271 -20.62 -0.02 -7.85
N ILE A 272 -19.78 -1.06 -7.79
CA ILE A 272 -20.22 -2.40 -8.19
C ILE A 272 -21.18 -3.00 -7.15
N VAL A 273 -20.91 -2.72 -5.88
CA VAL A 273 -21.81 -3.13 -4.80
C VAL A 273 -23.08 -2.31 -4.79
N GLY A 274 -22.99 -1.08 -5.30
CA GLY A 274 -24.14 -0.17 -5.30
C GLY A 274 -24.34 0.51 -3.97
N ALA A 275 -23.23 0.76 -3.27
CA ALA A 275 -23.28 1.34 -1.93
C ALA A 275 -23.48 2.85 -1.96
N LYS A 276 -24.38 3.36 -1.11
CA LYS A 276 -24.64 4.79 -1.01
C LYS A 276 -23.42 5.59 -0.57
N HIS A 277 -22.63 5.03 0.35
CA HIS A 277 -21.44 5.71 0.85
C HIS A 277 -20.26 4.75 0.83
N ILE A 278 -19.09 5.23 0.40
CA ILE A 278 -17.89 4.40 0.30
C ILE A 278 -17.54 3.71 1.63
N ALA A 279 -17.88 4.34 2.75
CA ALA A 279 -17.55 3.75 4.04
C ALA A 279 -18.20 2.38 4.23
N GLU A 280 -19.33 2.17 3.57
CA GLU A 280 -20.06 0.93 3.72
C GLU A 280 -19.31 -0.28 3.21
N VAL A 281 -18.29 -0.08 2.38
CA VAL A 281 -17.54 -1.20 1.81
C VAL A 281 -16.13 -1.28 2.37
N GLN A 282 -15.81 -0.44 3.35
CA GLN A 282 -14.46 -0.40 3.90
C GLN A 282 -14.42 -0.99 5.31
N PRO A 283 -13.49 -1.92 5.54
CA PRO A 283 -13.35 -2.46 6.91
C PRO A 283 -13.05 -1.35 7.91
N PHE A 284 -12.27 -0.36 7.50
CA PHE A 284 -11.89 0.73 8.39
C PHE A 284 -12.18 2.07 7.75
N PRO A 285 -13.40 2.59 7.97
CA PRO A 285 -13.76 3.86 7.31
C PRO A 285 -12.84 5.01 7.68
N ARG A 286 -12.67 5.90 6.71
CA ARG A 286 -11.83 7.08 6.85
C ARG A 286 -12.62 8.25 6.27
N VAL A 287 -13.63 8.71 7.03
CA VAL A 287 -14.61 9.66 6.51
C VAL A 287 -14.04 11.07 6.59
N PRO A 288 -14.06 11.80 5.47
CA PRO A 288 -13.47 13.14 5.43
C PRO A 288 -13.95 13.99 6.60
N GLY A 289 -13.01 14.51 7.37
CA GLY A 289 -13.35 15.42 8.46
C GLY A 289 -13.68 14.74 9.77
N ILE A 290 -13.76 13.42 9.77
CA ILE A 290 -14.08 12.69 10.99
C ILE A 290 -12.95 11.75 11.34
N PRO A 291 -12.17 12.08 12.38
CA PRO A 291 -11.03 11.22 12.70
C PRO A 291 -11.48 9.80 13.08
N ALA A 292 -10.93 8.79 12.42
CA ALA A 292 -11.38 7.42 12.64
C ALA A 292 -11.00 6.91 14.04
N VAL A 293 -11.87 6.12 14.67
CA VAL A 293 -11.53 5.56 15.98
C VAL A 293 -10.61 4.34 15.85
N ILE A 294 -10.65 3.67 14.71
CA ILE A 294 -9.68 2.61 14.42
C ILE A 294 -9.25 2.70 12.97
N MET B 1 23.78 9.65 -1.77
CA MET B 1 23.24 9.88 -3.11
C MET B 1 22.25 11.04 -3.13
N ASN B 2 22.49 11.99 -4.03
CA ASN B 2 21.50 13.03 -4.30
C ASN B 2 20.41 12.45 -5.21
N ALA B 3 19.36 13.24 -5.47
CA ALA B 3 18.21 12.74 -6.22
C ALA B 3 18.57 12.22 -7.62
N VAL B 4 19.40 12.97 -8.34
CA VAL B 4 19.79 12.55 -9.68
C VAL B 4 20.53 11.21 -9.63
N GLU B 5 21.43 11.06 -8.65
CA GLU B 5 22.12 9.80 -8.46
C GLU B 5 21.18 8.63 -8.18
N ILE B 6 20.17 8.87 -7.34
CA ILE B 6 19.20 7.82 -7.02
C ILE B 6 18.48 7.33 -8.28
N ILE B 7 18.09 8.24 -9.16
CA ILE B 7 17.27 7.82 -10.30
C ILE B 7 18.15 7.40 -11.49
N SER B 8 19.47 7.50 -11.30
CA SER B 8 20.42 7.09 -12.34
C SER B 8 20.89 5.65 -12.15
N ARG B 9 20.42 5.01 -11.08
CA ARG B 9 20.75 3.60 -10.83
C ARG B 9 19.97 2.70 -11.79
N ASP B 10 20.52 1.52 -12.06
CA ASP B 10 19.82 0.49 -12.85
C ASP B 10 19.06 -0.45 -11.91
N ILE B 11 17.75 -0.56 -12.11
CA ILE B 11 16.97 -1.48 -11.30
C ILE B 11 15.98 -2.27 -12.12
N TYR B 12 16.13 -2.27 -13.44
CA TYR B 12 15.12 -2.87 -14.30
C TYR B 12 14.90 -4.36 -13.98
N LYS B 13 16.00 -5.12 -13.90
CA LYS B 13 15.88 -6.55 -13.65
C LYS B 13 15.22 -6.82 -12.29
N ALA B 14 15.64 -6.08 -11.27
CA ALA B 14 15.10 -6.24 -9.93
C ALA B 14 13.59 -6.02 -9.92
N ILE B 15 13.15 -5.00 -10.67
CA ILE B 15 11.72 -4.67 -10.73
C ILE B 15 10.94 -5.68 -11.59
N ASP B 16 11.59 -6.23 -12.61
CA ASP B 16 11.01 -7.32 -13.38
C ASP B 16 10.76 -8.53 -12.46
N ILE B 17 11.77 -8.90 -11.69
CA ILE B 17 11.62 -9.97 -10.72
C ILE B 17 10.55 -9.64 -9.67
N GLN B 18 10.52 -8.40 -9.19
CA GLN B 18 9.52 -8.02 -8.20
C GLN B 18 8.09 -8.21 -8.73
N THR B 19 7.90 -7.83 -10.00
CA THR B 19 6.61 -7.98 -10.64
C THR B 19 6.18 -9.46 -10.64
N LYS B 20 7.09 -10.35 -11.02
CA LYS B 20 6.81 -11.78 -11.00
C LYS B 20 6.52 -12.31 -9.58
N ILE B 21 7.27 -11.83 -8.58
CA ILE B 21 7.04 -12.22 -7.20
C ILE B 21 5.66 -11.78 -6.70
N LEU B 22 5.29 -10.53 -6.97
CA LEU B 22 3.99 -10.01 -6.54
C LEU B 22 2.83 -10.74 -7.24
N ASP B 23 2.98 -10.98 -8.53
CA ASP B 23 2.01 -11.78 -9.26
C ASP B 23 1.87 -13.16 -8.61
N TYR B 24 3.00 -13.79 -8.31
CA TYR B 24 2.97 -15.14 -7.75
C TYR B 24 2.36 -15.17 -6.33
N MET B 25 2.79 -14.24 -5.48
CA MET B 25 2.33 -14.25 -4.09
C MET B 25 0.86 -13.87 -3.92
N THR B 26 0.41 -12.84 -4.65
CA THR B 26 -0.99 -12.44 -4.54
C THR B 26 -1.92 -13.57 -5.04
N LYS B 27 -1.57 -14.19 -6.16
CA LYS B 27 -2.34 -15.32 -6.67
C LYS B 27 -2.33 -16.53 -5.71
N PHE B 28 -1.21 -16.76 -5.03
CA PHE B 28 -1.12 -17.86 -4.08
C PHE B 28 -2.23 -17.70 -3.04
N PHE B 29 -2.47 -16.47 -2.60
CA PHE B 29 -3.44 -16.24 -1.55
C PHE B 29 -4.88 -16.20 -2.07
N THR B 30 -5.09 -15.55 -3.21
CA THR B 30 -6.46 -15.53 -3.75
C THR B 30 -6.89 -16.93 -4.22
N ASP B 31 -5.95 -17.73 -4.71
CA ASP B 31 -6.25 -19.13 -5.06
C ASP B 31 -6.75 -19.91 -3.85
N ARG B 32 -6.30 -19.51 -2.67
CA ARG B 32 -6.64 -20.22 -1.44
C ARG B 32 -7.81 -19.58 -0.71
N GLY B 33 -8.53 -18.71 -1.40
CA GLY B 33 -9.74 -18.13 -0.85
C GLY B 33 -9.55 -16.99 0.15
N PHE B 34 -8.34 -16.41 0.17
CA PHE B 34 -8.10 -15.24 1.00
C PHE B 34 -8.78 -14.02 0.38
N LYS B 35 -9.32 -13.17 1.24
CA LYS B 35 -9.81 -11.85 0.83
C LYS B 35 -8.65 -10.88 0.76
N TRP B 36 -8.67 -10.01 -0.24
CA TRP B 36 -7.58 -9.08 -0.48
C TRP B 36 -7.98 -7.70 0.05
N LEU B 37 -7.39 -7.31 1.17
CA LEU B 37 -7.72 -6.03 1.80
C LEU B 37 -6.73 -4.95 1.40
N LEU B 38 -7.13 -3.70 1.61
CA LEU B 38 -6.27 -2.56 1.35
C LEU B 38 -5.70 -2.05 2.67
N PRO B 39 -4.53 -1.38 2.61
CA PRO B 39 -3.86 -1.04 3.86
C PRO B 39 -4.39 0.24 4.50
N ILE B 40 -4.12 0.40 5.79
CA ILE B 40 -4.31 1.67 6.48
C ILE B 40 -2.96 2.15 6.98
N MET B 41 -2.79 3.48 6.99
CA MET B 41 -1.51 4.10 7.33
C MET B 41 -1.60 4.94 8.59
N LEU B 42 -2.82 5.37 8.95
CA LEU B 42 -3.04 6.21 10.11
C LEU B 42 -4.16 5.67 11.01
N SER B 43 -3.88 5.51 12.30
CA SER B 43 -4.86 4.96 13.24
C SER B 43 -4.51 5.37 14.67
N PRO B 44 -5.53 5.48 15.55
CA PRO B 44 -5.18 5.70 16.96
C PRO B 44 -4.33 4.56 17.55
N ILE B 45 -4.38 3.37 16.94
CA ILE B 45 -3.63 2.23 17.46
C ILE B 45 -2.69 1.62 16.41
N THR B 46 -1.54 1.14 16.88
CA THR B 46 -0.66 0.38 15.99
C THR B 46 0.20 -0.60 16.78
N ASP B 47 0.92 -1.46 16.05
CA ASP B 47 1.85 -2.42 16.61
C ASP B 47 2.88 -1.69 17.47
N PRO B 48 2.99 -2.06 18.76
CA PRO B 48 4.01 -1.44 19.62
C PRO B 48 5.44 -1.86 19.24
N LEU B 49 5.58 -3.00 18.57
CA LEU B 49 6.89 -3.55 18.21
C LEU B 49 7.79 -3.73 19.43
N TRP B 50 7.16 -3.95 20.58
CA TRP B 50 7.87 -4.04 21.85
C TRP B 50 6.93 -4.64 22.91
N PRO B 51 7.46 -5.49 23.80
CA PRO B 51 8.83 -6.01 23.81
C PRO B 51 9.09 -6.84 22.54
N ASP B 52 10.33 -6.85 22.07
CA ASP B 52 10.70 -7.62 20.88
C ASP B 52 12.21 -7.59 20.73
N PRO B 53 12.84 -8.77 20.73
CA PRO B 53 14.30 -8.90 20.62
C PRO B 53 14.86 -8.23 19.36
N ALA B 54 14.04 -8.16 18.31
CA ALA B 54 14.51 -7.64 17.03
C ALA B 54 14.35 -6.13 16.92
N GLY B 55 13.72 -5.53 17.93
CA GLY B 55 13.38 -4.12 17.85
C GLY B 55 14.26 -3.24 18.72
N GLU B 56 14.02 -1.94 18.65
CA GLU B 56 14.79 -0.98 19.42
C GLU B 56 13.90 -0.23 20.42
N GLY B 57 12.64 -0.63 20.50
CA GLY B 57 11.70 0.03 21.39
C GLY B 57 11.34 1.44 20.94
N ILE B 58 11.35 1.65 19.62
CA ILE B 58 10.98 2.95 19.09
C ILE B 58 9.50 3.25 19.33
N ARG B 59 9.18 4.53 19.45
CA ARG B 59 7.80 4.97 19.54
C ARG B 59 7.30 5.29 18.14
N PRO B 60 6.04 4.93 17.85
CA PRO B 60 5.53 5.18 16.50
C PRO B 60 5.48 6.67 16.20
N ALA B 61 5.73 7.03 14.94
CA ALA B 61 5.59 8.40 14.48
C ALA B 61 4.11 8.77 14.50
N GLU B 62 3.83 10.03 14.81
CA GLU B 62 2.46 10.48 14.97
C GLU B 62 2.21 11.72 14.14
N VAL B 63 0.95 11.90 13.76
CA VAL B 63 0.53 13.12 13.07
C VAL B 63 -0.89 13.46 13.48
N ASP B 64 -1.20 14.76 13.52
CA ASP B 64 -2.54 15.21 13.84
C ASP B 64 -3.49 15.01 12.66
N VAL B 65 -4.65 14.42 12.92
CA VAL B 65 -5.69 14.26 11.90
C VAL B 65 -6.99 14.80 12.47
N TYR B 66 -7.41 15.95 11.95
CA TYR B 66 -8.59 16.64 12.45
C TYR B 66 -8.57 16.79 13.97
N GLY B 67 -7.41 17.13 14.51
CA GLY B 67 -7.25 17.40 15.94
C GLY B 67 -6.99 16.18 16.81
N VAL B 68 -6.92 15.01 16.19
CA VAL B 68 -6.70 13.76 16.91
C VAL B 68 -5.35 13.17 16.54
N ARG B 69 -4.57 12.82 17.55
CA ARG B 69 -3.25 12.24 17.33
C ARG B 69 -3.39 10.83 16.76
N MET B 70 -2.80 10.62 15.58
CA MET B 70 -2.83 9.32 14.91
C MET B 70 -1.42 8.76 14.82
N ARG B 71 -1.30 7.43 14.89
CA ARG B 71 0.00 6.77 14.76
C ARG B 71 0.17 6.21 13.36
N LEU B 72 1.36 6.38 12.79
CA LEU B 72 1.64 5.81 11.48
C LEU B 72 1.80 4.31 11.67
N THR B 73 1.48 3.54 10.64
CA THR B 73 1.45 2.08 10.77
C THR B 73 2.83 1.47 10.99
N HIS B 74 3.07 0.98 12.21
CA HIS B 74 4.24 0.15 12.49
C HIS B 74 4.03 -1.20 11.83
N SER B 75 2.84 -1.77 12.10
CA SER B 75 2.34 -2.92 11.36
C SER B 75 0.83 -2.98 11.53
N MET B 76 0.14 -3.70 10.64
CA MET B 76 -1.31 -3.79 10.74
C MET B 76 -1.80 -4.96 11.59
N ILE B 77 -0.94 -5.51 12.45
CA ILE B 77 -1.33 -6.68 13.24
C ILE B 77 -2.67 -6.52 13.95
N LEU B 78 -2.88 -5.39 14.63
CA LEU B 78 -4.13 -5.22 15.36
C LEU B 78 -5.32 -5.17 14.40
N HIS B 79 -5.15 -4.50 13.28
CA HIS B 79 -6.18 -4.42 12.26
C HIS B 79 -6.47 -5.76 11.60
N LYS B 80 -5.45 -6.62 11.50
CA LYS B 80 -5.69 -7.96 10.98
C LYS B 80 -6.60 -8.74 11.92
N GLN B 81 -6.35 -8.63 13.22
CA GLN B 81 -7.21 -9.28 14.19
C GLN B 81 -8.61 -8.72 14.08
N LEU B 82 -8.71 -7.41 13.82
CA LEU B 82 -10.03 -6.81 13.69
C LEU B 82 -10.75 -7.33 12.45
N ALA B 83 -10.01 -7.62 11.38
CA ALA B 83 -10.63 -8.11 10.17
C ALA B 83 -11.14 -9.53 10.39
N ILE B 84 -10.42 -10.29 11.20
CA ILE B 84 -10.91 -11.60 11.58
C ILE B 84 -12.16 -11.45 12.45
N ALA B 85 -12.17 -10.46 13.33
CA ALA B 85 -13.34 -10.19 14.17
C ALA B 85 -14.56 -9.85 13.32
N MET B 86 -14.34 -9.29 12.14
CA MET B 86 -15.42 -8.93 11.23
C MET B 86 -15.90 -10.10 10.40
N GLY B 87 -15.33 -11.28 10.65
CA GLY B 87 -15.78 -12.50 10.00
C GLY B 87 -15.22 -12.72 8.60
N LEU B 88 -14.11 -12.05 8.27
CA LEU B 88 -13.51 -12.16 6.94
C LEU B 88 -12.69 -13.44 6.72
N GLU B 89 -12.49 -14.22 7.79
CA GLU B 89 -12.00 -15.61 7.73
C GLU B 89 -10.51 -15.75 7.41
N LYS B 90 -10.15 -15.33 6.20
CA LYS B 90 -8.78 -15.40 5.70
C LYS B 90 -8.52 -14.13 4.90
N ILE B 91 -7.53 -13.34 5.34
CA ILE B 91 -7.29 -12.04 4.74
C ILE B 91 -5.80 -11.82 4.48
N PHE B 92 -5.49 -11.02 3.46
CA PHE B 92 -4.13 -10.55 3.26
C PHE B 92 -4.17 -9.14 2.71
N VAL B 93 -3.04 -8.44 2.84
CA VAL B 93 -2.94 -7.07 2.42
C VAL B 93 -1.47 -6.80 2.11
N LEU B 94 -1.21 -6.02 1.06
CA LEU B 94 0.12 -5.49 0.82
C LEU B 94 0.21 -4.22 1.64
N SER B 95 0.79 -4.35 2.82
CA SER B 95 0.72 -3.29 3.82
C SER B 95 2.07 -2.59 3.99
N PRO B 96 2.12 -1.27 3.68
CA PRO B 96 3.36 -0.56 4.00
C PRO B 96 3.53 -0.38 5.51
N ASN B 97 4.73 -0.69 5.99
CA ASN B 97 5.08 -0.49 7.38
C ASN B 97 6.11 0.63 7.46
N ILE B 98 5.97 1.49 8.45
CA ILE B 98 6.91 2.57 8.68
C ILE B 98 7.55 2.31 10.03
N ARG B 99 8.84 2.03 10.02
CA ARG B 99 9.55 1.78 11.25
C ARG B 99 10.84 2.57 11.26
N LEU B 100 10.87 3.64 12.05
CA LEU B 100 12.00 4.57 12.04
C LEU B 100 13.10 4.12 12.98
N GLU B 101 13.76 3.03 12.62
CA GLU B 101 14.83 2.48 13.43
C GLU B 101 16.16 3.18 13.16
N SER B 102 17.14 2.94 14.02
CA SER B 102 18.39 3.67 13.96
C SER B 102 19.33 3.13 12.88
N ARG B 103 20.43 3.83 12.66
CA ARG B 103 21.47 3.39 11.72
C ARG B 103 22.00 2.00 12.08
N ARG B 104 21.88 1.63 13.36
CA ARG B 104 22.36 0.33 13.82
C ARG B 104 21.61 -0.83 13.14
N LYS B 105 20.42 -0.54 12.62
CA LYS B 105 19.61 -1.55 11.95
C LYS B 105 19.86 -1.59 10.45
N ASP B 106 20.73 -0.73 9.95
CA ASP B 106 21.04 -0.74 8.52
C ASP B 106 21.97 -1.89 8.20
N ASP B 107 21.41 -3.09 8.09
CA ASP B 107 22.19 -4.30 7.92
C ASP B 107 22.05 -4.93 6.54
N GLY B 108 21.37 -4.24 5.64
CA GLY B 108 21.19 -4.76 4.30
C GLY B 108 19.83 -5.36 4.04
N ARG B 109 19.05 -5.61 5.10
CA ARG B 109 17.70 -6.12 4.91
C ARG B 109 16.61 -5.22 5.49
N HIS B 110 17.00 -4.23 6.30
CA HIS B 110 16.04 -3.28 6.86
C HIS B 110 15.84 -2.08 5.95
N SER B 111 14.61 -1.55 5.97
CA SER B 111 14.22 -0.37 5.20
C SER B 111 13.20 0.33 6.09
N TYR B 112 13.29 1.66 6.27
CA TYR B 112 12.36 2.31 7.20
C TYR B 112 10.94 2.44 6.65
N GLU B 113 10.79 2.25 5.35
CA GLU B 113 9.49 1.95 4.76
C GLU B 113 9.64 0.63 4.05
N PHE B 114 8.65 -0.24 4.19
CA PHE B 114 8.67 -1.50 3.44
C PHE B 114 7.28 -2.10 3.40
N THR B 115 6.99 -2.83 2.33
CA THR B 115 5.69 -3.47 2.20
C THR B 115 5.74 -4.93 2.62
N GLN B 116 4.87 -5.29 3.55
CA GLN B 116 4.72 -6.66 4.00
C GLN B 116 3.52 -7.23 3.30
N LEU B 117 3.63 -8.45 2.76
CA LEU B 117 2.41 -9.18 2.42
C LEU B 117 1.96 -9.80 3.75
N ASP B 118 0.94 -9.20 4.35
CA ASP B 118 0.54 -9.50 5.73
C ASP B 118 -0.79 -10.24 5.70
N PHE B 119 -0.83 -11.44 6.30
CA PHE B 119 -2.04 -12.27 6.21
C PHE B 119 -2.41 -12.87 7.56
N GLU B 120 -3.69 -13.22 7.70
CA GLU B 120 -4.21 -13.76 8.95
C GLU B 120 -5.32 -14.74 8.64
N ILE B 121 -5.38 -15.81 9.44
CA ILE B 121 -6.31 -16.91 9.23
C ILE B 121 -7.04 -17.25 10.54
N GLU B 122 -8.36 -17.13 10.51
CA GLU B 122 -9.16 -17.47 11.68
C GLU B 122 -8.93 -18.94 12.05
N GLY B 123 -8.64 -19.19 13.33
CA GLY B 123 -8.55 -20.55 13.84
C GLY B 123 -7.31 -21.35 13.46
N ALA B 124 -6.39 -20.74 12.71
CA ALA B 124 -5.18 -21.43 12.27
C ALA B 124 -4.21 -21.59 13.44
N LYS B 125 -3.41 -22.66 13.40
CA LYS B 125 -2.38 -22.88 14.41
C LYS B 125 -1.01 -22.66 13.80
N MET B 126 0.02 -22.52 14.64
CA MET B 126 1.34 -22.19 14.12
C MET B 126 1.79 -23.18 13.05
N LYS B 127 1.46 -24.45 13.23
CA LYS B 127 1.86 -25.48 12.26
C LYS B 127 1.18 -25.29 10.91
N ASP B 128 -0.07 -24.84 10.93
CA ASP B 128 -0.78 -24.53 9.69
C ASP B 128 -0.11 -23.38 8.94
N VAL B 129 0.27 -22.35 9.67
CA VAL B 129 0.81 -21.17 9.02
C VAL B 129 2.21 -21.47 8.50
N MET B 130 3.03 -22.14 9.30
CA MET B 130 4.37 -22.51 8.86
C MET B 130 4.32 -23.38 7.62
N ARG B 131 3.39 -24.34 7.58
CA ARG B 131 3.27 -25.20 6.41
C ARG B 131 2.88 -24.41 5.16
N LEU B 132 1.95 -23.46 5.34
CA LEU B 132 1.51 -22.63 4.23
C LEU B 132 2.68 -21.80 3.67
N ILE B 133 3.47 -21.21 4.56
CA ILE B 133 4.59 -20.39 4.13
C ILE B 133 5.64 -21.24 3.44
N GLU B 134 5.85 -22.46 3.95
CA GLU B 134 6.74 -23.40 3.29
C GLU B 134 6.29 -23.71 1.86
N GLU B 135 4.99 -23.95 1.68
CA GLU B 135 4.43 -24.18 0.34
C GLU B 135 4.63 -22.97 -0.56
N LEU B 136 4.40 -21.78 -0.03
CA LEU B 136 4.60 -20.56 -0.80
C LEU B 136 6.05 -20.40 -1.25
N ILE B 137 6.97 -20.57 -0.31
CA ILE B 137 8.39 -20.38 -0.57
C ILE B 137 8.95 -21.44 -1.52
N TYR B 138 8.53 -22.69 -1.33
CA TYR B 138 8.97 -23.76 -2.22
C TYR B 138 8.55 -23.42 -3.65
N GLY B 139 7.26 -23.11 -3.83
CA GLY B 139 6.75 -22.75 -5.14
C GLY B 139 7.44 -21.54 -5.75
N LEU B 140 7.67 -20.52 -4.92
CA LEU B 140 8.33 -19.31 -5.39
C LEU B 140 9.74 -19.61 -5.86
N PHE B 141 10.46 -20.43 -5.09
CA PHE B 141 11.84 -20.78 -5.41
C PHE B 141 11.94 -21.58 -6.71
N ARG B 142 10.99 -22.48 -6.97
CA ARG B 142 10.97 -23.21 -8.23
C ARG B 142 10.69 -22.26 -9.41
N LYS B 143 9.78 -21.32 -9.22
CA LYS B 143 9.55 -20.29 -10.23
C LYS B 143 10.81 -19.46 -10.47
N ALA B 144 11.46 -19.05 -9.39
CA ALA B 144 12.65 -18.20 -9.49
C ALA B 144 13.77 -18.91 -10.28
N GLU B 145 13.82 -20.23 -10.18
CA GLU B 145 14.81 -20.98 -10.96
C GLU B 145 14.53 -20.79 -12.43
N GLU B 146 13.24 -20.79 -12.79
CA GLU B 146 12.83 -20.56 -14.18
C GLU B 146 13.12 -19.13 -14.61
N TRP B 147 12.83 -18.17 -13.74
CA TRP B 147 13.03 -16.78 -14.05
C TRP B 147 14.50 -16.42 -14.24
N THR B 148 15.38 -17.02 -13.44
CA THR B 148 16.75 -16.56 -13.33
C THR B 148 17.78 -17.49 -13.95
N GLY B 149 17.42 -18.76 -14.15
CA GLY B 149 18.36 -19.75 -14.65
C GLY B 149 19.36 -20.19 -13.59
N ARG B 150 19.11 -19.78 -12.34
CA ARG B 150 20.00 -20.10 -11.22
C ARG B 150 19.34 -21.04 -10.22
N GLU B 151 20.15 -21.68 -9.38
CA GLU B 151 19.67 -22.66 -8.42
C GLU B 151 19.22 -22.00 -7.13
N PHE B 152 18.10 -22.45 -6.58
CA PHE B 152 17.60 -21.93 -5.30
C PHE B 152 17.44 -23.07 -4.27
N PRO B 153 17.34 -22.73 -2.98
CA PRO B 153 17.27 -23.80 -1.97
C PRO B 153 16.13 -24.78 -2.26
N ARG B 154 16.37 -26.06 -1.98
CA ARG B 154 15.41 -27.12 -2.26
C ARG B 154 14.06 -26.87 -1.62
N ALA B 155 14.08 -26.28 -0.43
CA ALA B 155 12.86 -25.74 0.20
C ALA B 155 11.76 -26.77 0.41
N ARG B 156 12.13 -28.00 0.76
CA ARG B 156 11.13 -29.03 1.05
C ARG B 156 11.13 -29.38 2.53
N HIS B 157 12.32 -29.38 3.13
CA HIS B 157 12.45 -29.57 4.57
C HIS B 157 12.95 -28.29 5.21
N PHE B 158 12.20 -27.77 6.17
CA PHE B 158 12.60 -26.58 6.92
C PHE B 158 12.87 -26.90 8.39
N LYS B 159 14.13 -26.87 8.80
CA LYS B 159 14.46 -27.17 10.20
C LYS B 159 13.85 -26.14 11.14
N VAL B 160 13.40 -26.59 12.31
CA VAL B 160 12.85 -25.70 13.31
C VAL B 160 13.77 -25.58 14.54
N TYR B 161 14.21 -24.36 14.84
CA TYR B 161 15.04 -24.09 16.02
C TYR B 161 14.23 -23.34 17.08
N ASP B 162 14.34 -23.76 18.33
CA ASP B 162 13.83 -22.95 19.43
C ASP B 162 14.73 -21.72 19.58
N TYR B 163 14.13 -20.59 19.92
CA TYR B 163 14.85 -19.33 20.06
C TYR B 163 16.08 -19.45 20.97
N LYS B 164 15.91 -20.09 22.12
CA LYS B 164 17.01 -20.26 23.07
C LYS B 164 18.14 -21.10 22.50
N ASP B 165 17.80 -22.02 21.61
CA ASP B 165 18.81 -22.89 21.00
C ASP B 165 19.60 -22.16 19.93
N ILE B 166 18.95 -21.23 19.24
CA ILE B 166 19.65 -20.33 18.33
C ILE B 166 20.69 -19.52 19.11
N LEU B 167 20.27 -18.95 20.23
CA LEU B 167 21.18 -18.14 21.04
C LEU B 167 22.38 -18.94 21.52
N GLU B 168 22.14 -20.18 21.93
CA GLU B 168 23.21 -21.05 22.44
C GLU B 168 24.19 -21.50 21.35
N GLU B 169 23.65 -21.90 20.20
CA GLU B 169 24.48 -22.50 19.16
C GLU B 169 25.20 -21.46 18.31
N PHE B 170 24.54 -20.35 18.03
CA PHE B 170 25.03 -19.36 17.07
C PHE B 170 25.22 -17.98 17.68
N GLY B 171 24.50 -17.68 18.76
CA GLY B 171 24.57 -16.37 19.37
C GLY B 171 23.44 -15.46 18.91
N SER B 172 23.25 -15.36 17.60
CA SER B 172 22.17 -14.52 17.07
C SER B 172 21.54 -15.19 15.85
N ASP B 173 20.36 -14.71 15.47
CA ASP B 173 19.69 -15.24 14.30
C ASP B 173 20.47 -14.82 13.06
N GLU B 174 21.21 -13.71 13.19
CA GLU B 174 22.05 -13.22 12.11
C GLU B 174 23.19 -14.20 11.85
N LYS B 175 23.85 -14.63 12.92
CA LYS B 175 24.95 -15.60 12.77
C LYS B 175 24.44 -16.94 12.27
N ALA B 176 23.25 -17.34 12.73
CA ALA B 176 22.62 -18.56 12.22
C ALA B 176 22.42 -18.46 10.71
N SER B 177 21.83 -17.34 10.28
CA SER B 177 21.59 -17.13 8.86
C SER B 177 22.86 -17.34 8.03
N MET B 178 23.99 -16.87 8.55
CA MET B 178 25.23 -16.92 7.78
C MET B 178 25.74 -18.35 7.57
N GLU B 179 25.40 -19.24 8.50
CA GLU B 179 25.89 -20.62 8.43
C GLU B 179 24.95 -21.61 7.72
N MET B 180 23.75 -21.16 7.35
CA MET B 180 22.77 -22.04 6.72
C MET B 180 22.72 -21.93 5.20
N GLU B 181 22.34 -23.03 4.55
CA GLU B 181 22.19 -23.05 3.11
C GLU B 181 20.74 -23.26 2.72
N GLU B 182 19.89 -23.50 3.73
CA GLU B 182 18.47 -23.64 3.50
C GLU B 182 17.73 -22.69 4.45
N PRO B 183 16.53 -22.25 4.07
CA PRO B 183 15.75 -21.43 4.99
C PRO B 183 15.42 -22.25 6.22
N PHE B 184 15.23 -21.59 7.36
CA PHE B 184 14.94 -22.30 8.58
C PHE B 184 14.05 -21.47 9.48
N TRP B 185 13.44 -22.11 10.46
CA TRP B 185 12.52 -21.44 11.37
C TRP B 185 13.18 -21.21 12.71
N ILE B 186 12.84 -20.07 13.34
CA ILE B 186 13.10 -19.83 14.75
C ILE B 186 11.74 -19.62 15.40
N VAL B 187 11.46 -20.39 16.46
CA VAL B 187 10.17 -20.34 17.11
C VAL B 187 10.31 -20.06 18.61
N ASN B 188 9.19 -19.74 19.25
CA ASN B 188 9.16 -19.54 20.71
C ASN B 188 10.00 -18.33 21.10
N ILE B 189 9.63 -17.18 20.56
CA ILE B 189 10.33 -15.93 20.82
C ILE B 189 9.44 -15.03 21.67
N PRO B 190 9.86 -14.74 22.91
CA PRO B 190 9.08 -13.84 23.76
C PRO B 190 9.03 -12.42 23.16
N ARG B 191 7.85 -11.94 22.81
CA ARG B 191 7.72 -10.57 22.29
C ARG B 191 6.39 -9.88 22.64
N GLU B 192 5.70 -9.36 21.62
CA GLU B 192 4.55 -8.48 21.84
C GLU B 192 3.32 -9.18 22.43
N PHE B 193 2.40 -8.37 22.98
CA PHE B 193 1.25 -8.92 23.68
C PHE B 193 0.34 -9.79 22.79
N TYR B 194 0.32 -9.49 21.49
CA TYR B 194 -0.63 -10.17 20.59
C TYR B 194 -0.21 -11.58 20.21
N ASP B 195 1.07 -11.93 20.39
CA ASP B 195 1.50 -13.30 20.10
C ASP B 195 1.04 -14.21 21.22
N ARG B 196 0.50 -15.38 20.87
CA ARG B 196 -0.03 -16.25 21.89
C ARG B 196 1.08 -16.89 22.73
N GLU B 197 0.91 -16.80 24.05
CA GLU B 197 1.81 -17.45 24.98
C GLU B 197 1.00 -18.42 25.85
N GLU B 198 1.47 -19.66 25.91
CA GLU B 198 0.87 -20.67 26.78
C GLU B 198 1.95 -21.39 27.58
N ASN B 199 1.84 -21.33 28.90
CA ASN B 199 2.76 -22.06 29.78
C ASN B 199 4.23 -21.75 29.50
N GLY B 200 4.54 -20.48 29.26
CA GLY B 200 5.91 -20.06 29.02
C GLY B 200 6.36 -20.29 27.60
N VAL B 201 5.51 -20.93 26.79
CA VAL B 201 5.83 -21.18 25.38
C VAL B 201 5.11 -20.19 24.46
N TRP B 202 5.87 -19.52 23.60
CA TRP B 202 5.28 -18.58 22.65
C TRP B 202 5.02 -19.28 21.33
N LYS B 203 3.81 -19.12 20.79
CA LYS B 203 3.41 -19.87 19.60
C LYS B 203 3.68 -19.05 18.34
N ASN B 204 4.92 -18.65 18.16
CA ASN B 204 5.29 -17.78 17.05
C ASN B 204 6.47 -18.32 16.23
N TYR B 205 6.79 -17.65 15.14
CA TYR B 205 7.73 -18.21 14.16
C TYR B 205 8.29 -17.13 13.25
N ASP B 206 9.61 -17.16 13.05
CA ASP B 206 10.27 -16.32 12.07
C ASP B 206 10.93 -17.23 11.04
N LEU B 207 10.71 -16.96 9.75
CA LEU B 207 11.43 -17.66 8.69
C LEU B 207 12.71 -16.91 8.37
N ILE B 208 13.84 -17.60 8.45
CA ILE B 208 15.14 -17.00 8.20
C ILE B 208 15.72 -17.53 6.89
N LEU B 209 16.14 -16.62 6.04
CA LEU B 209 16.79 -17.00 4.79
C LEU B 209 18.21 -17.46 5.05
N PRO B 210 18.74 -18.33 4.18
CA PRO B 210 20.13 -18.76 4.29
C PRO B 210 21.11 -17.74 3.72
N TYR B 211 22.39 -18.08 3.75
CA TYR B 211 23.45 -17.25 3.17
C TYR B 211 23.54 -15.83 3.75
N GLY B 212 23.09 -15.67 4.98
CA GLY B 212 23.21 -14.40 5.68
C GLY B 212 22.12 -13.38 5.39
N TYR B 213 21.15 -13.75 4.55
CA TYR B 213 20.11 -12.81 4.15
C TYR B 213 19.10 -12.47 5.26
N GLY B 214 19.06 -13.28 6.31
CA GLY B 214 18.25 -12.96 7.49
C GLY B 214 16.76 -13.20 7.38
N GLU B 215 16.03 -12.71 8.38
CA GLU B 215 14.59 -12.93 8.50
C GLU B 215 13.81 -12.37 7.32
N VAL B 216 12.87 -13.17 6.81
CA VAL B 216 12.06 -12.75 5.67
C VAL B 216 10.55 -12.78 6.00
N SER B 217 10.19 -13.49 7.06
CA SER B 217 8.79 -13.58 7.48
C SER B 217 8.71 -13.78 8.99
N SER B 218 7.65 -13.23 9.58
CA SER B 218 7.49 -13.29 11.02
C SER B 218 6.00 -13.31 11.35
N GLY B 219 5.61 -14.19 12.26
CA GLY B 219 4.21 -14.27 12.65
C GLY B 219 3.98 -15.11 13.88
N GLY B 220 2.70 -15.38 14.17
CA GLY B 220 2.35 -16.26 15.26
C GLY B 220 0.87 -16.50 15.39
N GLU B 221 0.51 -17.41 16.28
CA GLU B 221 -0.86 -17.49 16.77
C GLU B 221 -1.09 -16.29 17.69
N ARG B 222 -2.35 -15.93 17.89
CA ARG B 222 -2.65 -14.69 18.60
C ARG B 222 -3.32 -14.92 19.96
N GLU B 223 -3.11 -13.98 20.88
CA GLU B 223 -3.94 -13.87 22.06
C GLU B 223 -5.27 -13.25 21.61
N TRP B 224 -6.38 -13.70 22.18
CA TRP B 224 -7.67 -13.13 21.81
C TRP B 224 -8.52 -12.80 23.03
N GLU B 225 -8.10 -13.27 24.20
CA GLU B 225 -8.87 -13.07 25.43
C GLU B 225 -8.45 -11.79 26.15
N TYR B 226 -9.43 -10.95 26.45
CA TYR B 226 -9.18 -9.65 27.08
C TYR B 226 -8.23 -9.69 28.29
N GLU B 227 -8.52 -10.53 29.28
CA GLU B 227 -7.70 -10.60 30.50
C GLU B 227 -6.25 -10.98 30.19
N LYS B 228 -6.08 -11.93 29.28
CA LYS B 228 -4.75 -12.38 28.90
C LYS B 228 -3.97 -11.24 28.25
N ILE B 229 -4.63 -10.52 27.34
CA ILE B 229 -4.02 -9.41 26.63
C ILE B 229 -3.62 -8.29 27.59
N VAL B 230 -4.58 -7.88 28.43
CA VAL B 230 -4.34 -6.79 29.37
C VAL B 230 -3.15 -7.07 30.29
N ALA B 231 -3.06 -8.30 30.76
CA ALA B 231 -1.99 -8.70 31.68
C ALA B 231 -0.60 -8.49 31.05
N LYS B 232 -0.47 -8.84 29.78
CA LYS B 232 0.82 -8.76 29.10
C LYS B 232 1.20 -7.32 28.78
N ILE B 233 0.19 -6.50 28.49
CA ILE B 233 0.42 -5.08 28.21
C ILE B 233 0.92 -4.42 29.49
N ARG B 234 0.17 -4.60 30.58
CA ARG B 234 0.52 -4.00 31.85
C ARG B 234 1.87 -4.50 32.37
N ALA B 235 2.14 -5.79 32.18
CA ALA B 235 3.37 -6.40 32.67
C ALA B 235 4.59 -5.85 31.93
N ALA B 236 4.42 -5.57 30.64
CA ALA B 236 5.49 -5.00 29.84
C ALA B 236 5.69 -3.51 30.10
N GLY B 237 4.74 -2.89 30.78
CA GLY B 237 4.84 -1.47 31.09
C GLY B 237 4.17 -0.58 30.05
N LEU B 238 3.51 -1.19 29.08
CA LEU B 238 2.77 -0.40 28.10
C LEU B 238 1.48 0.13 28.71
N LYS B 239 0.91 1.15 28.10
CA LYS B 239 -0.31 1.77 28.59
C LYS B 239 -1.54 1.22 27.88
N GLU B 240 -2.52 0.77 28.66
CA GLU B 240 -3.78 0.30 28.08
C GLU B 240 -4.42 1.36 27.19
N ASP B 241 -4.26 2.63 27.58
CA ASP B 241 -4.80 3.76 26.82
C ASP B 241 -4.34 3.76 25.36
N SER B 242 -3.13 3.26 25.13
CA SER B 242 -2.55 3.26 23.80
C SER B 242 -3.29 2.32 22.85
N PHE B 243 -4.12 1.44 23.42
CA PHE B 243 -4.80 0.42 22.63
C PHE B 243 -6.31 0.41 22.86
N ARG B 244 -6.86 1.56 23.25
CA ARG B 244 -8.23 1.65 23.74
C ARG B 244 -9.30 0.92 22.91
N PRO B 245 -9.48 1.30 21.63
CA PRO B 245 -10.58 0.69 20.88
C PRO B 245 -10.37 -0.80 20.63
N TYR B 246 -9.12 -1.22 20.49
CA TYR B 246 -8.78 -2.63 20.38
C TYR B 246 -9.18 -3.38 21.65
N LEU B 247 -8.89 -2.79 22.81
CA LEU B 247 -9.26 -3.40 24.08
C LEU B 247 -10.77 -3.41 24.28
N GLU B 248 -11.45 -2.38 23.80
CA GLU B 248 -12.92 -2.35 23.85
C GLU B 248 -13.46 -3.56 23.10
N ILE B 249 -12.90 -3.80 21.92
CA ILE B 249 -13.32 -4.94 21.10
C ILE B 249 -13.00 -6.26 21.80
N ALA B 250 -11.81 -6.37 22.37
CA ALA B 250 -11.44 -7.56 23.15
C ALA B 250 -12.38 -7.76 24.34
N ARG B 251 -12.70 -6.68 25.03
CA ARG B 251 -13.57 -6.74 26.20
C ARG B 251 -14.95 -7.25 25.80
N ALA B 252 -15.38 -6.86 24.61
CA ALA B 252 -16.67 -7.27 24.07
C ALA B 252 -16.66 -8.75 23.63
N GLY B 253 -15.50 -9.40 23.77
CA GLY B 253 -15.36 -10.80 23.41
C GLY B 253 -15.45 -11.05 21.91
N LYS B 254 -15.08 -10.05 21.13
CA LYS B 254 -15.21 -10.11 19.68
C LYS B 254 -13.95 -10.58 18.95
N LEU B 255 -12.81 -10.59 19.63
CA LEU B 255 -11.59 -11.15 19.02
C LEU B 255 -11.73 -12.67 18.93
N LYS B 256 -11.09 -13.25 17.94
CA LYS B 256 -11.21 -14.69 17.74
C LYS B 256 -9.81 -15.29 17.63
N PRO B 257 -9.67 -16.58 17.97
CA PRO B 257 -8.37 -17.19 17.75
C PRO B 257 -7.98 -17.08 16.27
N SER B 258 -6.72 -16.75 16.01
CA SER B 258 -6.21 -16.73 14.65
C SER B 258 -4.70 -16.91 14.65
N ALA B 259 -4.13 -17.01 13.45
CA ALA B 259 -2.68 -17.03 13.29
C ALA B 259 -2.37 -16.45 11.91
N GLY B 260 -1.21 -15.84 11.79
CA GLY B 260 -0.81 -15.28 10.51
C GLY B 260 0.66 -14.97 10.49
N ALA B 261 1.07 -14.16 9.53
CA ALA B 261 2.46 -13.76 9.36
C ALA B 261 2.54 -12.62 8.37
N GLY B 262 3.66 -11.89 8.41
CA GLY B 262 3.98 -10.94 7.36
C GLY B 262 5.18 -11.45 6.59
N ILE B 263 5.18 -11.24 5.28
CA ILE B 263 6.29 -11.63 4.41
C ILE B 263 6.90 -10.39 3.75
N GLY B 264 8.20 -10.20 3.92
CA GLY B 264 8.88 -9.05 3.35
C GLY B 264 9.09 -9.18 1.86
N VAL B 265 8.27 -8.47 1.08
CA VAL B 265 8.36 -8.56 -0.37
C VAL B 265 9.72 -8.09 -0.88
N GLU B 266 10.16 -6.92 -0.43
CA GLU B 266 11.44 -6.41 -0.88
C GLU B 266 12.62 -7.27 -0.45
N ARG B 267 12.51 -7.90 0.72
CA ARG B 267 13.52 -8.85 1.16
C ARG B 267 13.61 -10.07 0.24
N LEU B 268 12.47 -10.51 -0.28
CA LEU B 268 12.46 -11.61 -1.23
C LEU B 268 13.04 -11.17 -2.56
N VAL B 269 12.71 -9.95 -3.00
CA VAL B 269 13.28 -9.44 -4.24
C VAL B 269 14.80 -9.43 -4.10
N ARG B 270 15.27 -8.90 -2.97
CA ARG B 270 16.70 -8.86 -2.71
C ARG B 270 17.34 -10.26 -2.77
N PHE B 271 16.70 -11.23 -2.15
CA PHE B 271 17.24 -12.58 -2.10
C PHE B 271 17.32 -13.21 -3.49
N ILE B 272 16.27 -13.04 -4.28
CA ILE B 272 16.20 -13.68 -5.60
C ILE B 272 17.18 -13.05 -6.60
N VAL B 273 17.31 -11.72 -6.50
CA VAL B 273 18.26 -10.97 -7.31
C VAL B 273 19.70 -11.22 -6.84
N GLY B 274 19.84 -11.51 -5.55
CA GLY B 274 21.14 -11.71 -4.94
C GLY B 274 21.85 -10.40 -4.61
N ALA B 275 21.08 -9.37 -4.24
CA ALA B 275 21.65 -8.05 -3.95
C ALA B 275 22.22 -7.98 -2.54
N LYS B 276 23.38 -7.37 -2.38
CA LYS B 276 24.00 -7.31 -1.05
C LYS B 276 23.24 -6.36 -0.14
N HIS B 277 22.61 -5.34 -0.72
CA HIS B 277 21.83 -4.41 0.09
C HIS B 277 20.47 -4.19 -0.53
N ILE B 278 19.44 -4.22 0.31
CA ILE B 278 18.06 -4.10 -0.14
C ILE B 278 17.80 -2.82 -0.93
N ALA B 279 18.56 -1.75 -0.64
CA ALA B 279 18.36 -0.50 -1.36
C ALA B 279 18.60 -0.67 -2.86
N GLU B 280 19.45 -1.63 -3.22
CA GLU B 280 19.80 -1.84 -4.62
C GLU B 280 18.62 -2.33 -5.47
N VAL B 281 17.58 -2.84 -4.82
CA VAL B 281 16.41 -3.32 -5.57
C VAL B 281 15.21 -2.38 -5.44
N GLN B 282 15.43 -1.22 -4.81
CA GLN B 282 14.33 -0.28 -4.58
C GLN B 282 14.46 0.99 -5.40
N PRO B 283 13.39 1.35 -6.13
CA PRO B 283 13.41 2.66 -6.80
C PRO B 283 13.73 3.81 -5.84
N PHE B 284 13.18 3.76 -4.64
CA PHE B 284 13.35 4.86 -3.69
C PHE B 284 13.81 4.35 -2.34
N PRO B 285 15.13 4.25 -2.15
CA PRO B 285 15.68 3.69 -0.93
C PRO B 285 15.18 4.40 0.32
N ARG B 286 15.02 3.66 1.40
CA ARG B 286 14.63 4.24 2.68
C ARG B 286 15.53 3.62 3.73
N VAL B 287 16.75 4.12 3.81
CA VAL B 287 17.78 3.46 4.61
C VAL B 287 17.67 3.84 6.08
N PRO B 288 17.68 2.84 6.98
CA PRO B 288 17.57 3.18 8.41
C PRO B 288 18.60 4.22 8.85
N GLY B 289 18.13 5.27 9.51
CA GLY B 289 18.98 6.33 10.00
C GLY B 289 19.33 7.41 8.99
N ILE B 290 18.90 7.22 7.75
CA ILE B 290 19.20 8.19 6.69
C ILE B 290 17.92 8.72 6.05
N PRO B 291 17.53 9.95 6.39
CA PRO B 291 16.30 10.49 5.80
C PRO B 291 16.43 10.58 4.28
N ALA B 292 15.50 9.99 3.56
CA ALA B 292 15.58 9.89 2.09
C ALA B 292 15.50 11.27 1.45
N VAL B 293 16.21 11.44 0.33
CA VAL B 293 16.19 12.72 -0.35
C VAL B 293 14.98 12.80 -1.28
N ILE B 294 14.51 11.63 -1.72
CA ILE B 294 13.28 11.53 -2.51
C ILE B 294 12.52 10.26 -2.14
#